data_8VEI
#
_entry.id   8VEI
#
_cell.length_a   46.242
_cell.length_b   57.819
_cell.length_c   85.120
_cell.angle_alpha   90.000
_cell.angle_beta   90.000
_cell.angle_gamma   90.000
#
_symmetry.space_group_name_H-M   'C 2 2 21'
#
loop_
_entity.id
_entity.type
_entity.pdbx_description
1 polymer CHD_r1
2 water water
#
_entity_poly.entity_id   1
_entity_poly.type   'polypeptide(L)'
_entity_poly.pdbx_seq_one_letter_code
;GGPIESAKIFKEFLEDYESGKKSFREASYDATVKLFLWFLPRNIELAEIALRWLIMLESKKVSFEEASLIALREALRWFK
VRNNELYKIIKEALDDYESGKKSFEEALWDYYEKVLEYLLKSGGSG
;
_entity_poly.pdbx_strand_id   A
#
# COMPACT_ATOMS: atom_id res chain seq x y z
N GLU A 5 -3.74 10.95 -11.43
CA GLU A 5 -3.10 11.57 -10.27
C GLU A 5 -2.80 10.51 -9.22
N SER A 6 -3.66 9.49 -9.13
CA SER A 6 -3.38 8.37 -8.25
C SER A 6 -2.12 7.63 -8.69
N ALA A 7 -1.92 7.48 -10.01
CA ALA A 7 -0.75 6.77 -10.51
C ALA A 7 0.54 7.40 -10.01
N LYS A 8 0.63 8.73 -10.07
CA LYS A 8 1.87 9.40 -9.72
C LYS A 8 2.31 9.08 -8.30
N ILE A 9 1.36 8.92 -7.38
CA ILE A 9 1.69 8.55 -6.01
C ILE A 9 2.57 7.30 -6.00
N PHE A 10 2.19 6.30 -6.80
CA PHE A 10 2.98 5.07 -6.89
C PHE A 10 4.23 5.27 -7.74
N LYS A 11 4.17 6.11 -8.77
CA LYS A 11 5.38 6.43 -9.53
C LYS A 11 6.41 7.15 -8.67
N GLU A 12 5.98 8.13 -7.87
CA GLU A 12 6.92 8.83 -7.01
C GLU A 12 7.42 7.96 -5.86
N PHE A 13 6.68 6.92 -5.48
CA PHE A 13 7.24 5.94 -4.56
C PHE A 13 8.38 5.17 -5.22
N LEU A 14 8.12 4.60 -6.39
CA LEU A 14 9.15 3.84 -7.09
C LEU A 14 10.34 4.72 -7.44
N GLU A 15 10.09 5.98 -7.81
CA GLU A 15 11.18 6.90 -8.07
C GLU A 15 12.04 7.10 -6.84
N ASP A 16 11.42 7.38 -5.70
CA ASP A 16 12.18 7.71 -4.50
C ASP A 16 12.78 6.48 -3.82
N TYR A 17 12.16 5.30 -3.99
CA TYR A 17 12.70 4.10 -3.37
C TYR A 17 13.82 3.49 -4.22
N GLU A 18 13.56 3.29 -5.51
CA GLU A 18 14.57 2.67 -6.38
C GLU A 18 15.78 3.58 -6.56
N SER A 19 15.59 4.90 -6.42
CA SER A 19 16.72 5.82 -6.47
C SER A 19 17.60 5.72 -5.23
N GLY A 20 17.05 5.26 -4.11
CA GLY A 20 17.74 5.34 -2.84
C GLY A 20 17.61 6.66 -2.13
N LYS A 21 16.84 7.60 -2.68
CA LYS A 21 16.63 8.88 -2.03
C LYS A 21 15.90 8.72 -0.70
N LYS A 22 15.05 7.71 -0.59
CA LYS A 22 14.30 7.45 0.63
C LYS A 22 14.38 5.97 0.95
N SER A 23 14.36 5.67 2.26
CA SER A 23 14.19 4.29 2.69
C SER A 23 12.82 3.78 2.23
N PHE A 24 12.64 2.46 2.34
CA PHE A 24 11.36 1.88 1.96
C PHE A 24 10.23 2.42 2.83
N ARG A 25 10.45 2.44 4.15
CA ARG A 25 9.38 2.84 5.07
C ARG A 25 9.06 4.32 4.95
N GLU A 26 10.06 5.16 4.65
CA GLU A 26 9.78 6.58 4.46
C GLU A 26 9.06 6.82 3.13
N ALA A 27 9.45 6.08 2.08
CA ALA A 27 8.77 6.23 0.80
C ALA A 27 7.35 5.66 0.85
N SER A 28 7.17 4.54 1.55
CA SER A 28 5.84 3.95 1.68
C SER A 28 4.95 4.82 2.58
N TYR A 29 5.53 5.43 3.60
CA TYR A 29 4.77 6.33 4.47
C TYR A 29 4.23 7.52 3.69
N ASP A 30 5.11 8.19 2.93
CA ASP A 30 4.67 9.33 2.13
C ASP A 30 3.67 8.91 1.06
N ALA A 31 3.85 7.70 0.51
CA ALA A 31 2.89 7.20 -0.48
C ALA A 31 1.51 7.01 0.15
N THR A 32 1.48 6.50 1.38
CA THR A 32 0.19 6.27 2.05
C THR A 32 -0.47 7.59 2.42
N VAL A 33 0.33 8.60 2.81
CA VAL A 33 -0.22 9.91 3.13
C VAL A 33 -0.87 10.52 1.90
N LYS A 34 -0.18 10.45 0.75
CA LYS A 34 -0.76 10.95 -0.49
C LYS A 34 -2.01 10.18 -0.87
N LEU A 35 -2.04 8.87 -0.59
CA LEU A 35 -3.22 8.07 -0.91
C LEU A 35 -4.39 8.45 -0.02
N PHE A 36 -4.13 8.74 1.26
CA PHE A 36 -5.20 9.17 2.15
C PHE A 36 -5.80 10.50 1.67
N LEU A 37 -4.94 11.46 1.33
CA LEU A 37 -5.43 12.73 0.83
C LEU A 37 -6.13 12.57 -0.52
N TRP A 38 -5.66 11.64 -1.35
CA TRP A 38 -6.33 11.37 -2.62
C TRP A 38 -7.67 10.66 -2.43
N PHE A 39 -7.84 9.94 -1.32
CA PHE A 39 -9.07 9.22 -1.06
C PHE A 39 -10.12 10.07 -0.35
N LEU A 40 -9.73 11.17 0.28
CA LEU A 40 -10.66 11.98 1.07
C LEU A 40 -11.91 12.40 0.29
N PRO A 41 -11.82 12.99 -0.90
CA PRO A 41 -13.04 13.38 -1.62
C PRO A 41 -13.60 12.32 -2.56
N ARG A 42 -13.10 11.09 -2.52
CA ARG A 42 -13.51 10.06 -3.45
C ARG A 42 -14.00 8.79 -2.77
N ASN A 43 -13.35 8.35 -1.70
CA ASN A 43 -13.73 7.13 -0.99
C ASN A 43 -13.38 7.27 0.48
N ILE A 44 -14.40 7.20 1.34
CA ILE A 44 -14.20 7.52 2.75
C ILE A 44 -13.65 6.32 3.51
N GLU A 45 -14.24 5.13 3.32
CA GLU A 45 -13.74 3.96 4.02
C GLU A 45 -12.37 3.54 3.47
N LEU A 46 -12.11 3.76 2.18
CA LEU A 46 -10.77 3.58 1.67
C LEU A 46 -9.81 4.59 2.30
N ALA A 47 -10.26 5.83 2.47
CA ALA A 47 -9.49 6.78 3.25
C ALA A 47 -9.42 6.38 4.72
N GLU A 48 -10.44 5.67 5.21
CA GLU A 48 -10.43 5.18 6.58
C GLU A 48 -9.38 4.08 6.75
N ILE A 49 -9.23 3.22 5.75
CA ILE A 49 -8.21 2.17 5.81
C ILE A 49 -6.81 2.80 5.82
N ALA A 50 -6.58 3.76 4.94
CA ALA A 50 -5.28 4.44 4.89
C ALA A 50 -5.02 5.26 6.13
N LEU A 51 -6.07 5.83 6.74
CA LEU A 51 -5.87 6.69 7.90
C LEU A 51 -5.51 5.87 9.13
N ARG A 52 -6.18 4.73 9.34
CA ARG A 52 -5.83 3.88 10.47
C ARG A 52 -4.43 3.30 10.32
N TRP A 53 -3.97 3.09 9.09
CA TRP A 53 -2.57 2.78 8.88
C TRP A 53 -1.68 3.90 9.37
N LEU A 54 -2.08 5.16 9.11
CA LEU A 54 -1.32 6.30 9.61
C LEU A 54 -1.41 6.39 11.13
N ILE A 55 -2.59 6.13 11.70
CA ILE A 55 -2.73 6.17 13.15
C ILE A 55 -1.92 5.05 13.79
N MET A 56 -1.88 3.88 13.14
CA MET A 56 -1.06 2.78 13.65
C MET A 56 0.43 3.16 13.64
N LEU A 57 0.87 3.85 12.60
CA LEU A 57 2.27 4.29 12.55
C LEU A 57 2.52 5.43 13.53
N GLU A 58 1.57 6.36 13.66
CA GLU A 58 1.75 7.51 14.53
C GLU A 58 1.49 7.21 15.99
N SER A 59 0.75 6.15 16.30
CA SER A 59 0.49 5.78 17.70
C SER A 59 1.75 5.26 18.39
N LYS A 60 2.76 4.85 17.63
CA LYS A 60 4.00 4.24 18.08
C LYS A 60 3.79 2.92 18.82
N LYS A 61 2.61 2.31 18.68
CA LYS A 61 2.32 1.03 19.30
C LYS A 61 2.27 -0.13 18.32
N VAL A 62 2.30 0.14 17.03
CA VAL A 62 2.21 -0.89 16.00
C VAL A 62 3.45 -0.80 15.10
N SER A 63 4.03 -1.96 14.80
CA SER A 63 5.16 -2.01 13.89
C SER A 63 4.71 -1.72 12.46
N PHE A 64 5.67 -1.32 11.63
CA PHE A 64 5.38 -1.03 10.23
C PHE A 64 4.81 -2.26 9.53
N GLU A 65 5.32 -3.44 9.85
CA GLU A 65 4.88 -4.66 9.16
C GLU A 65 3.47 -5.05 9.60
N GLU A 66 3.22 -5.06 10.91
CA GLU A 66 1.89 -5.46 11.40
C GLU A 66 0.83 -4.46 10.98
N ALA A 67 1.16 -3.16 11.00
CA ALA A 67 0.22 -2.16 10.55
C ALA A 67 -0.08 -2.33 9.06
N SER A 68 0.94 -2.61 8.26
CA SER A 68 0.72 -2.85 6.84
C SER A 68 -0.09 -4.13 6.61
N LEU A 69 0.18 -5.18 7.40
CA LEU A 69 -0.60 -6.40 7.29
C LEU A 69 -2.06 -6.15 7.62
N ILE A 70 -2.32 -5.37 8.68
CA ILE A 70 -3.69 -5.10 9.10
C ILE A 70 -4.43 -4.30 8.02
N ALA A 71 -3.78 -3.26 7.49
CA ALA A 71 -4.43 -2.42 6.50
C ALA A 71 -4.61 -3.14 5.17
N LEU A 72 -3.65 -4.00 4.80
CA LEU A 72 -3.76 -4.74 3.54
C LEU A 72 -4.90 -5.75 3.60
N ARG A 73 -5.06 -6.43 4.74
CA ARG A 73 -6.11 -7.44 4.84
C ARG A 73 -7.49 -6.80 4.83
N GLU A 74 -7.61 -5.54 5.26
CA GLU A 74 -8.90 -4.86 5.19
C GLU A 74 -9.18 -4.35 3.78
N ALA A 75 -8.15 -3.87 3.09
CA ALA A 75 -8.34 -3.49 1.68
C ALA A 75 -8.66 -4.70 0.83
N LEU A 76 -8.06 -5.86 1.15
CA LEU A 76 -8.36 -7.08 0.42
C LEU A 76 -9.84 -7.47 0.59
N ARG A 77 -10.39 -7.28 1.79
CA ARG A 77 -11.80 -7.56 2.01
C ARG A 77 -12.68 -6.55 1.29
N TRP A 78 -12.24 -5.29 1.22
CA TRP A 78 -13.01 -4.26 0.53
C TRP A 78 -13.03 -4.51 -0.97
N PHE A 79 -11.88 -4.85 -1.56
CA PHE A 79 -11.80 -5.11 -2.99
C PHE A 79 -12.31 -6.49 -3.37
N LYS A 80 -12.68 -7.33 -2.40
CA LYS A 80 -13.09 -8.69 -2.71
C LYS A 80 -14.38 -8.70 -3.52
N VAL A 81 -15.29 -7.77 -3.25
CA VAL A 81 -16.59 -7.74 -3.89
C VAL A 81 -16.74 -6.52 -4.80
N ARG A 82 -15.64 -5.86 -5.14
CA ARG A 82 -15.71 -4.66 -5.97
C ARG A 82 -14.73 -4.68 -7.14
N ASN A 83 -13.52 -5.20 -6.96
CA ASN A 83 -12.53 -5.24 -8.02
C ASN A 83 -11.68 -6.48 -7.83
N ASN A 84 -11.86 -7.46 -8.72
CA ASN A 84 -11.07 -8.69 -8.62
C ASN A 84 -9.63 -8.48 -9.05
N GLU A 85 -9.38 -7.53 -9.95
CA GLU A 85 -8.01 -7.25 -10.37
C GLU A 85 -7.17 -6.76 -9.20
N LEU A 86 -7.70 -5.81 -8.44
CA LEU A 86 -6.97 -5.28 -7.29
C LEU A 86 -6.98 -6.25 -6.11
N TYR A 87 -8.03 -7.07 -5.98
CA TYR A 87 -8.02 -8.13 -4.99
C TYR A 87 -6.87 -9.10 -5.25
N LYS A 88 -6.62 -9.42 -6.52
CA LYS A 88 -5.53 -10.32 -6.88
C LYS A 88 -4.18 -9.74 -6.48
N ILE A 89 -3.99 -8.44 -6.69
CA ILE A 89 -2.68 -7.83 -6.44
C ILE A 89 -2.40 -7.76 -4.94
N ILE A 90 -3.42 -7.47 -4.14
CA ILE A 90 -3.22 -7.42 -2.69
C ILE A 90 -2.98 -8.80 -2.12
N LYS A 91 -3.73 -9.80 -2.60
CA LYS A 91 -3.57 -11.16 -2.10
C LYS A 91 -2.17 -11.71 -2.44
N GLU A 92 -1.70 -11.46 -3.65
CA GLU A 92 -0.39 -11.96 -4.04
C GLU A 92 0.73 -11.29 -3.25
N ALA A 93 0.56 -10.02 -2.90
CA ALA A 93 1.56 -9.34 -2.08
C ALA A 93 1.59 -9.92 -0.67
N LEU A 94 0.42 -10.22 -0.10
CA LEU A 94 0.37 -10.86 1.21
C LEU A 94 0.88 -12.29 1.13
N ASP A 95 0.52 -13.00 0.06
CA ASP A 95 0.99 -14.38 -0.12
C ASP A 95 2.51 -14.44 -0.15
N ASP A 96 3.12 -13.62 -1.00
CA ASP A 96 4.57 -13.66 -1.17
C ASP A 96 5.30 -13.29 0.11
N TYR A 97 4.74 -12.39 0.92
CA TYR A 97 5.41 -11.97 2.15
C TYR A 97 5.18 -12.97 3.28
N GLU A 98 3.94 -13.42 3.47
CA GLU A 98 3.63 -14.33 4.56
C GLU A 98 4.11 -15.75 4.30
N SER A 99 4.44 -16.07 3.05
CA SER A 99 5.00 -17.37 2.72
C SER A 99 6.52 -17.39 2.75
N GLY A 100 7.17 -16.24 2.93
CA GLY A 100 8.61 -16.17 2.91
C GLY A 100 9.24 -16.18 1.52
N LYS A 101 8.43 -16.26 0.46
CA LYS A 101 8.96 -16.17 -0.88
C LYS A 101 9.67 -14.84 -1.12
N LYS A 102 9.11 -13.76 -0.60
CA LYS A 102 9.68 -12.43 -0.70
C LYS A 102 9.81 -11.81 0.68
N SER A 103 10.73 -10.87 0.80
CA SER A 103 10.81 -10.07 2.02
C SER A 103 9.66 -9.07 2.06
N PHE A 104 9.52 -8.39 3.19
CA PHE A 104 8.45 -7.40 3.34
C PHE A 104 8.60 -6.28 2.32
N GLU A 105 9.82 -5.76 2.17
CA GLU A 105 10.03 -4.61 1.29
C GLU A 105 9.83 -4.97 -0.17
N GLU A 106 10.32 -6.14 -0.59
CA GLU A 106 10.20 -6.49 -2.00
C GLU A 106 8.82 -7.02 -2.37
N ALA A 107 8.08 -7.56 -1.40
CA ALA A 107 6.70 -7.95 -1.67
C ALA A 107 5.82 -6.72 -1.88
N LEU A 108 6.01 -5.68 -1.05
CA LEU A 108 5.25 -4.46 -1.22
C LEU A 108 5.76 -3.64 -2.40
N TRP A 109 7.07 -3.68 -2.66
CA TRP A 109 7.63 -3.01 -3.83
C TRP A 109 6.96 -3.52 -5.11
N ASP A 110 6.84 -4.83 -5.25
CA ASP A 110 6.12 -5.39 -6.39
C ASP A 110 4.65 -4.97 -6.36
N TYR A 111 4.05 -4.91 -5.16
CA TYR A 111 2.67 -4.47 -5.03
C TYR A 111 2.49 -3.04 -5.56
N TYR A 112 3.45 -2.16 -5.26
CA TYR A 112 3.32 -0.77 -5.66
C TYR A 112 3.47 -0.60 -7.18
N GLU A 113 4.40 -1.35 -7.78
CA GLU A 113 4.55 -1.30 -9.24
C GLU A 113 3.52 -2.15 -9.97
N LYS A 114 2.90 -3.13 -9.30
CA LYS A 114 1.80 -3.87 -9.91
C LYS A 114 0.47 -3.16 -9.77
N VAL A 115 0.30 -2.30 -8.76
CA VAL A 115 -0.88 -1.45 -8.70
C VAL A 115 -0.76 -0.34 -9.75
N LEU A 116 0.47 0.10 -10.02
CA LEU A 116 0.70 1.14 -11.02
C LEU A 116 0.36 0.65 -12.42
N GLU A 117 0.77 -0.57 -12.76
CA GLU A 117 0.46 -1.09 -14.09
C GLU A 117 -1.03 -1.31 -14.29
N TYR A 118 -1.77 -1.55 -13.20
CA TYR A 118 -3.21 -1.69 -13.30
C TYR A 118 -3.87 -0.35 -13.66
N LEU A 119 -3.44 0.72 -13.00
CA LEU A 119 -3.97 2.04 -13.32
C LEU A 119 -3.59 2.44 -14.75
N LEU A 120 -2.40 2.06 -15.20
CA LEU A 120 -1.98 2.39 -16.55
C LEU A 120 -2.69 1.54 -17.60
N LYS A 121 -3.07 0.32 -17.26
CA LYS A 121 -3.72 -0.58 -18.21
C LYS A 121 -5.17 -0.87 -17.82
#